data_7ZQ1
#
_entry.id   7ZQ1
#
_cell.length_a   48.982
_cell.length_b   60.436
_cell.length_c   81.351
_cell.angle_alpha   90.000
_cell.angle_beta   90.000
_cell.angle_gamma   90.000
#
_symmetry.space_group_name_H-M   'P 21 21 21'
#
loop_
_entity.id
_entity.type
_entity.pdbx_description
1 polymer 'Serine protease subunit NS2B'
2 polymer 'Serine protease NS3'
3 non-polymer 1-[(8R,15S,18S)-15-(4-azanylbutyl)-18-(1H-indol-3-ylmethyl)-4,7,14,17,20-pentakis(oxidanylidene)-3,6,13,16,19-pentazabicyclo[20.3.1]hexacosa-1(25),22(26),23-trien-8-yl]guanidine
4 water water
#
loop_
_entity_poly.entity_id
_entity_poly.type
_entity_poly.pdbx_seq_one_letter_code
_entity_poly.pdbx_strand_id
1 'polypeptide(L)' MTGKSVDMYIERAGDITWEKDAEVTGNSPRLDVALDESGDFSLVEEDGPPMRE A
2 'polypeptide(L)'
;GSGALWDVPAPKEVKKGETTDGVYRVMTRRLLGSTQVGVGVMQEGVFHTMWHVTKGAALRSGEGRLDPYWGDVKQDLVSY
CGPWKLDAAWDGLSEVQLLAVPPGERAKNIQTLPGIFKTKDGDIGAVALDYPAGTSGSPILDKCGRVIGLYGNGVVIKNG
SYVSAITQGKREEETPVE
;
B
#
loop_
_chem_comp.id
_chem_comp.type
_chem_comp.name
_chem_comp.formula
JVL non-polymer 1-[(8R,15S,18S)-15-(4-azanylbutyl)-18-(1H-indol-3-ylmethyl)-4,7,14,17,20-pentakis(oxidanylidene)-3,6,13,16,19-pentazabicyclo[20.3.1]hexacosa-1(25),22(26),23-trien-8-yl]guanidine 'C35 H48 N10 O5'
#
# COMPACT_ATOMS: atom_id res chain seq x y z
N VAL A 6 14.94 -17.80 4.33
CA VAL A 6 14.49 -16.63 3.58
C VAL A 6 14.60 -15.38 4.45
N ASP A 7 15.70 -14.65 4.30
CA ASP A 7 15.90 -13.40 5.03
C ASP A 7 15.03 -12.32 4.41
N MET A 8 13.93 -11.97 5.09
CA MET A 8 13.12 -10.81 4.71
C MET A 8 13.51 -9.64 5.62
N TYR A 9 13.76 -8.47 5.01
CA TYR A 9 14.27 -7.33 5.76
C TYR A 9 13.74 -6.04 5.16
N ILE A 10 13.84 -4.95 5.92
CA ILE A 10 13.36 -3.66 5.44
C ILE A 10 14.50 -2.66 5.38
N GLU A 11 14.38 -1.72 4.46
CA GLU A 11 15.35 -0.64 4.37
C GLU A 11 14.65 0.66 4.05
N ARG A 12 15.05 1.72 4.75
CA ARG A 12 14.35 2.99 4.58
C ARG A 12 14.47 3.46 3.14
N ALA A 13 13.38 4.05 2.64
CA ALA A 13 13.34 4.57 1.28
C ALA A 13 12.94 6.04 1.19
N GLY A 14 12.49 6.65 2.26
CA GLY A 14 12.23 8.08 2.19
C GLY A 14 11.34 8.54 3.30
N ASP A 15 11.11 9.86 3.29
CA ASP A 15 10.17 10.50 4.18
C ASP A 15 8.79 10.52 3.54
N ILE A 16 7.76 10.49 4.37
CA ILE A 16 6.38 10.47 3.87
C ILE A 16 5.89 11.92 3.87
N THR A 17 5.90 12.53 2.69
CA THR A 17 5.47 13.91 2.55
C THR A 17 4.75 14.09 1.23
N TRP A 18 3.81 15.02 1.21
CA TRP A 18 3.14 15.46 -0.01
C TRP A 18 4.06 16.35 -0.81
N GLU A 19 4.09 16.14 -2.12
CA GLU A 19 4.91 16.93 -3.03
C GLU A 19 4.08 18.04 -3.65
N LYS A 20 4.49 19.29 -3.45
CA LYS A 20 3.81 20.39 -4.10
C LYS A 20 4.10 20.38 -5.59
N ASP A 21 3.13 20.81 -6.38
CA ASP A 21 3.27 20.90 -7.82
C ASP A 21 3.70 19.54 -8.38
N ALA A 22 2.96 18.50 -8.02
CA ALA A 22 3.26 17.14 -8.43
C ALA A 22 2.63 16.83 -9.78
N GLU A 23 3.21 15.84 -10.45
CA GLU A 23 2.64 15.34 -11.70
C GLU A 23 1.30 14.69 -11.42
N VAL A 24 0.28 15.07 -12.19
CA VAL A 24 -1.08 14.59 -12.05
C VAL A 24 -1.39 13.66 -13.22
N THR A 25 -1.83 12.44 -12.92
CA THR A 25 -2.06 11.48 -13.98
C THR A 25 -3.07 10.44 -13.53
N GLY A 26 -3.54 9.66 -14.49
CA GLY A 26 -4.50 8.61 -14.23
C GLY A 26 -5.92 9.11 -14.36
N ASN A 27 -6.79 8.18 -14.72
CA ASN A 27 -8.21 8.49 -14.79
C ASN A 27 -8.87 8.15 -13.45
N SER A 28 -10.20 8.20 -13.40
CA SER A 28 -10.97 8.03 -12.17
C SER A 28 -12.09 7.04 -12.42
N PRO A 29 -11.77 5.76 -12.57
CA PRO A 29 -12.79 4.80 -13.00
C PRO A 29 -13.78 4.49 -11.90
N ARG A 30 -15.04 4.30 -12.29
CA ARG A 30 -16.07 3.87 -11.35
C ARG A 30 -16.45 2.44 -11.71
N LEU A 31 -16.01 1.51 -10.87
CA LEU A 31 -16.06 0.09 -11.17
C LEU A 31 -16.91 -0.63 -10.14
N ASP A 32 -17.75 -1.56 -10.61
CA ASP A 32 -18.49 -2.44 -9.73
C ASP A 32 -17.62 -3.65 -9.44
N VAL A 33 -17.30 -3.87 -8.16
CA VAL A 33 -16.38 -4.93 -7.79
C VAL A 33 -16.91 -5.69 -6.58
N ALA A 34 -16.41 -6.91 -6.43
CA ALA A 34 -16.69 -7.75 -5.29
C ALA A 34 -15.36 -8.14 -4.64
N LEU A 35 -15.42 -8.40 -3.34
CA LEU A 35 -14.26 -8.79 -2.55
C LEU A 35 -14.53 -10.15 -1.94
N ASP A 36 -13.68 -11.12 -2.24
CA ASP A 36 -13.89 -12.46 -1.69
C ASP A 36 -13.13 -12.62 -0.38
N GLU A 37 -13.36 -13.75 0.28
CA GLU A 37 -12.79 -13.96 1.61
C GLU A 37 -11.28 -14.17 1.57
N SER A 38 -10.71 -14.40 0.40
CA SER A 38 -9.27 -14.50 0.26
C SER A 38 -8.59 -13.16 0.04
N GLY A 39 -9.35 -12.07 0.05
CA GLY A 39 -8.79 -10.75 -0.17
C GLY A 39 -8.60 -10.37 -1.61
N ASP A 40 -9.28 -11.03 -2.54
CA ASP A 40 -9.17 -10.71 -3.96
C ASP A 40 -10.39 -9.92 -4.41
N PHE A 41 -10.13 -8.76 -5.02
CA PHE A 41 -11.18 -8.02 -5.71
C PHE A 41 -11.38 -8.60 -7.11
N SER A 42 -12.63 -8.56 -7.58
CA SER A 42 -12.93 -8.93 -8.95
C SER A 42 -13.97 -7.98 -9.51
N LEU A 43 -13.95 -7.80 -10.83
CA LEU A 43 -14.98 -7.02 -11.49
C LEU A 43 -16.27 -7.82 -11.59
N VAL A 44 -17.38 -7.16 -11.28
CA VAL A 44 -18.69 -7.78 -11.42
C VAL A 44 -19.11 -7.66 -12.88
N GLU A 45 -19.57 -8.77 -13.47
CA GLU A 45 -19.92 -8.81 -14.88
C GLU A 45 -21.27 -8.16 -15.12
N THR B 19 13.08 1.42 13.87
CA THR B 19 11.66 1.74 13.89
C THR B 19 11.38 3.21 13.53
N THR B 20 12.35 3.87 12.89
CA THR B 20 12.20 5.29 12.55
C THR B 20 11.06 5.52 11.56
N ASP B 21 10.26 6.57 11.80
CA ASP B 21 9.15 6.87 10.90
C ASP B 21 9.64 7.01 9.46
N GLY B 22 8.85 6.53 8.50
CA GLY B 22 9.13 6.73 7.10
C GLY B 22 8.59 5.58 6.26
N VAL B 23 8.91 5.62 4.96
CA VAL B 23 8.53 4.56 4.04
C VAL B 23 9.75 3.68 3.78
N TYR B 24 9.52 2.36 3.69
CA TYR B 24 10.56 1.36 3.66
C TYR B 24 10.30 0.39 2.51
N ARG B 25 11.38 -0.08 1.89
CA ARG B 25 11.29 -1.23 1.01
C ARG B 25 11.28 -2.50 1.85
N VAL B 26 10.55 -3.51 1.38
CA VAL B 26 10.55 -4.85 1.94
C VAL B 26 11.28 -5.75 0.95
N MET B 27 12.39 -6.31 1.39
CA MET B 27 13.34 -7.03 0.55
C MET B 27 13.43 -8.48 1.00
N THR B 28 13.80 -9.35 0.07
CA THR B 28 14.21 -10.70 0.43
C THR B 28 15.57 -10.98 -0.19
N ARG B 29 16.44 -11.61 0.59
CA ARG B 29 17.76 -12.00 0.12
C ARG B 29 17.81 -13.52 0.14
N ARG B 30 18.30 -14.11 -0.94
CA ARG B 30 18.44 -15.56 -1.03
C ARG B 30 19.92 -15.93 -1.06
N LEU B 31 20.38 -16.55 -2.14
CA LEU B 31 21.78 -16.96 -2.23
C LEU B 31 22.66 -15.79 -2.65
N LEU B 32 22.29 -15.10 -3.73
CA LEU B 32 23.03 -13.94 -4.20
C LEU B 32 22.05 -12.86 -4.59
N GLY B 33 22.08 -11.74 -3.87
CA GLY B 33 21.33 -10.58 -4.27
C GLY B 33 19.92 -10.54 -3.70
N SER B 34 19.36 -9.34 -3.70
CA SER B 34 18.08 -9.09 -3.08
C SER B 34 17.01 -8.83 -4.13
N THR B 35 15.77 -9.05 -3.71
CA THR B 35 14.58 -8.76 -4.50
C THR B 35 13.65 -7.91 -3.65
N GLN B 36 13.09 -6.85 -4.24
CA GLN B 36 12.07 -6.06 -3.53
C GLN B 36 10.70 -6.70 -3.75
N VAL B 37 10.09 -7.17 -2.67
CA VAL B 37 8.75 -7.75 -2.75
C VAL B 37 7.65 -6.79 -2.32
N GLY B 38 8.00 -5.68 -1.68
CA GLY B 38 6.98 -4.73 -1.31
C GLY B 38 7.57 -3.51 -0.64
N VAL B 39 6.66 -2.80 0.04
CA VAL B 39 6.90 -1.49 0.62
C VAL B 39 6.01 -1.42 1.87
N GLY B 40 6.39 -0.58 2.82
CA GLY B 40 5.53 -0.37 3.96
C GLY B 40 5.82 0.93 4.68
N VAL B 41 4.99 1.21 5.69
CA VAL B 41 5.01 2.48 6.41
C VAL B 41 5.33 2.21 7.87
N MET B 42 6.35 2.90 8.39
CA MET B 42 6.63 2.93 9.82
C MET B 42 5.98 4.18 10.41
N GLN B 43 5.08 4.00 11.37
CA GLN B 43 4.43 5.11 12.05
C GLN B 43 4.11 4.68 13.47
N GLU B 44 4.43 5.54 14.44
CA GLU B 44 4.12 5.28 15.84
C GLU B 44 4.67 3.94 16.29
N GLY B 45 5.85 3.58 15.79
CA GLY B 45 6.52 2.36 16.17
C GLY B 45 5.97 1.08 15.59
N VAL B 46 5.08 1.18 14.61
CA VAL B 46 4.42 0.04 14.01
C VAL B 46 4.72 0.05 12.52
N PHE B 47 5.07 -1.11 11.97
CA PHE B 47 5.27 -1.25 10.53
C PHE B 47 4.02 -1.81 9.88
N HIS B 48 3.61 -1.17 8.79
CA HIS B 48 2.34 -1.43 8.13
C HIS B 48 2.63 -1.82 6.68
N THR B 49 2.12 -2.98 6.25
CA THR B 49 2.27 -3.35 4.84
C THR B 49 1.09 -4.21 4.44
N MET B 50 1.10 -4.68 3.20
N MET B 50 1.13 -4.68 3.20
CA MET B 50 0.01 -5.55 2.74
CA MET B 50 0.12 -5.60 2.70
C MET B 50 0.37 -7.00 3.03
C MET B 50 0.43 -7.00 3.20
N TRP B 51 -0.63 -7.77 3.47
CA TRP B 51 -0.45 -9.16 3.85
C TRP B 51 0.27 -9.94 2.76
N HIS B 52 -0.08 -9.71 1.50
CA HIS B 52 0.51 -10.53 0.44
C HIS B 52 2.01 -10.24 0.25
N VAL B 53 2.52 -9.15 0.81
CA VAL B 53 3.95 -8.87 0.70
C VAL B 53 4.77 -9.82 1.59
N THR B 54 4.35 -10.02 2.83
CA THR B 54 5.16 -10.77 3.79
C THR B 54 4.54 -12.07 4.25
N LYS B 55 3.22 -12.24 4.13
CA LYS B 55 2.49 -13.38 4.67
C LYS B 55 2.76 -13.54 6.17
N GLY B 56 3.09 -12.45 6.83
CA GLY B 56 3.34 -12.48 8.25
C GLY B 56 4.73 -12.90 8.67
N ALA B 57 5.66 -13.07 7.74
CA ALA B 57 7.03 -13.43 8.10
C ALA B 57 7.69 -12.30 8.89
N ALA B 58 8.58 -12.69 9.80
CA ALA B 58 9.30 -11.69 10.58
C ALA B 58 10.19 -10.88 9.64
N LEU B 59 10.43 -9.64 10.05
CA LEU B 59 11.22 -8.70 9.26
C LEU B 59 12.46 -8.27 10.04
N ARG B 60 13.62 -8.40 9.41
CA ARG B 60 14.85 -7.85 9.97
C ARG B 60 14.86 -6.35 9.71
N SER B 61 15.21 -5.56 10.72
CA SER B 61 15.38 -4.13 10.57
C SER B 61 16.70 -3.77 11.24
N GLY B 62 17.71 -3.51 10.44
CA GLY B 62 19.03 -3.30 11.02
C GLY B 62 19.46 -4.54 11.77
N GLU B 63 19.78 -4.39 13.05
CA GLU B 63 20.17 -5.49 13.91
C GLU B 63 18.98 -6.13 14.62
N GLY B 64 17.76 -5.62 14.43
CA GLY B 64 16.61 -6.06 15.17
C GLY B 64 15.63 -6.86 14.32
N ARG B 65 14.60 -7.37 14.99
CA ARG B 65 13.57 -8.19 14.36
C ARG B 65 12.19 -7.63 14.69
N LEU B 66 11.34 -7.53 13.68
CA LEU B 66 9.96 -7.09 13.84
C LEU B 66 9.05 -8.29 13.64
N ASP B 67 8.13 -8.49 14.58
CA ASP B 67 7.21 -9.61 14.56
C ASP B 67 5.79 -9.18 14.25
N PRO B 68 5.04 -10.01 13.55
CA PRO B 68 3.65 -9.66 13.22
C PRO B 68 2.81 -9.55 14.49
N TYR B 69 1.96 -8.54 14.52
CA TYR B 69 1.10 -8.25 15.65
C TYR B 69 -0.38 -8.42 15.32
N TRP B 70 -0.76 -8.04 14.11
CA TRP B 70 -2.15 -8.07 13.67
C TRP B 70 -2.17 -8.25 12.16
N GLY B 71 -3.22 -8.90 11.67
CA GLY B 71 -3.38 -8.97 10.23
C GLY B 71 -4.74 -9.51 9.85
N ASP B 72 -5.05 -9.39 8.56
CA ASP B 72 -6.34 -9.80 8.05
C ASP B 72 -6.20 -10.11 6.58
N VAL B 73 -6.41 -11.37 6.21
CA VAL B 73 -6.26 -11.77 4.81
C VAL B 73 -7.26 -11.05 3.92
N LYS B 74 -8.52 -10.93 4.35
CA LYS B 74 -9.52 -10.33 3.48
C LYS B 74 -9.22 -8.87 3.20
N GLN B 75 -8.73 -8.13 4.20
CA GLN B 75 -8.33 -6.76 3.99
C GLN B 75 -6.97 -6.67 3.30
N ASP B 76 -6.22 -7.77 3.30
CA ASP B 76 -4.87 -7.84 2.76
C ASP B 76 -3.91 -6.88 3.47
N LEU B 77 -3.96 -6.88 4.80
CA LEU B 77 -3.14 -6.01 5.60
C LEU B 77 -2.46 -6.78 6.73
N VAL B 78 -1.34 -6.23 7.20
CA VAL B 78 -0.61 -6.77 8.34
C VAL B 78 0.16 -5.65 9.01
N SER B 79 0.23 -5.70 10.34
CA SER B 79 1.07 -4.78 11.10
C SER B 79 2.02 -5.54 12.00
N TYR B 80 3.16 -4.89 12.27
CA TYR B 80 4.26 -5.42 13.06
C TYR B 80 4.50 -4.51 14.26
N CYS B 81 4.77 -5.12 15.42
CA CYS B 81 5.18 -4.46 16.65
C CYS B 81 4.01 -3.89 17.46
N GLY B 82 2.86 -3.74 16.83
CA GLY B 82 1.70 -3.20 17.50
C GLY B 82 0.52 -3.14 16.58
N PRO B 83 -0.60 -2.60 17.08
CA PRO B 83 -1.82 -2.54 16.28
C PRO B 83 -1.72 -1.51 15.16
N TRP B 84 -2.61 -1.67 14.17
CA TRP B 84 -2.68 -0.77 13.04
C TRP B 84 -2.91 0.66 13.51
N LYS B 85 -2.06 1.59 13.04
CA LYS B 85 -2.07 2.97 13.50
C LYS B 85 -2.60 3.97 12.49
N LEU B 86 -2.73 3.58 11.22
CA LEU B 86 -3.09 4.52 10.16
C LEU B 86 -4.61 4.65 10.11
N ASP B 87 -5.12 5.85 10.35
CA ASP B 87 -6.56 6.01 10.41
C ASP B 87 -7.10 7.13 9.53
N ALA B 88 -6.26 7.86 8.81
CA ALA B 88 -6.77 8.90 7.92
C ALA B 88 -7.58 8.25 6.80
N ALA B 89 -8.64 8.93 6.38
CA ALA B 89 -9.54 8.43 5.36
C ALA B 89 -9.56 9.36 4.17
N TRP B 90 -9.64 8.79 2.96
CA TRP B 90 -9.89 9.61 1.79
C TRP B 90 -11.22 10.34 1.97
N ASP B 91 -11.24 11.64 1.65
CA ASP B 91 -12.44 12.45 1.85
C ASP B 91 -13.47 12.26 0.74
N GLY B 92 -13.22 11.36 -0.21
CA GLY B 92 -14.16 11.07 -1.27
C GLY B 92 -14.22 12.13 -2.35
N LEU B 93 -13.41 13.16 -2.24
CA LEU B 93 -13.50 14.33 -3.11
C LEU B 93 -12.18 14.78 -3.69
N SER B 94 -11.11 14.73 -2.91
CA SER B 94 -9.87 15.41 -3.24
C SER B 94 -8.88 14.49 -3.96
N GLU B 95 -7.98 15.12 -4.70
CA GLU B 95 -6.85 14.38 -5.25
C GLU B 95 -5.95 13.87 -4.13
N VAL B 96 -5.24 12.79 -4.43
CA VAL B 96 -4.35 12.11 -3.50
C VAL B 96 -3.00 11.94 -4.19
N GLN B 97 -2.02 11.49 -3.43
CA GLN B 97 -0.71 11.14 -4.00
C GLN B 97 -0.32 9.73 -3.60
N LEU B 98 0.04 8.95 -4.61
CA LEU B 98 0.74 7.69 -4.38
C LEU B 98 2.20 8.01 -4.20
N LEU B 99 2.76 7.66 -3.04
CA LEU B 99 4.20 7.74 -2.81
C LEU B 99 4.76 6.39 -3.24
N ALA B 100 4.94 6.26 -4.55
CA ALA B 100 5.38 5.00 -5.14
C ALA B 100 6.84 4.75 -4.81
N VAL B 101 7.14 3.52 -4.38
CA VAL B 101 8.52 3.12 -4.14
C VAL B 101 8.77 1.89 -5.03
N PRO B 102 9.01 2.07 -6.31
CA PRO B 102 9.15 0.90 -7.20
C PRO B 102 10.48 0.21 -7.00
N PRO B 103 10.55 -1.10 -7.26
CA PRO B 103 11.84 -1.78 -7.19
C PRO B 103 12.91 -1.08 -8.03
N GLY B 104 14.07 -0.86 -7.43
CA GLY B 104 15.17 -0.29 -8.18
C GLY B 104 15.05 1.17 -8.53
N GLU B 105 14.03 1.86 -8.01
CA GLU B 105 13.79 3.27 -8.33
C GLU B 105 13.57 4.07 -7.06
N ARG B 106 13.92 5.36 -7.12
CA ARG B 106 13.72 6.22 -5.96
C ARG B 106 12.24 6.49 -5.75
N ALA B 107 11.86 6.72 -4.49
CA ALA B 107 10.50 7.08 -4.17
C ALA B 107 10.07 8.31 -4.96
N LYS B 108 8.84 8.28 -5.45
CA LYS B 108 8.30 9.40 -6.21
C LYS B 108 6.81 9.57 -5.91
N ASN B 109 6.37 10.83 -5.90
CA ASN B 109 4.98 11.16 -5.68
C ASN B 109 4.24 11.31 -7.01
N ILE B 110 3.08 10.66 -7.11
CA ILE B 110 2.21 10.71 -8.28
C ILE B 110 0.83 11.14 -7.81
N GLN B 111 0.36 12.28 -8.31
CA GLN B 111 -0.92 12.83 -7.90
C GLN B 111 -2.01 12.32 -8.84
N THR B 112 -3.18 12.03 -8.29
CA THR B 112 -4.28 11.49 -9.08
C THR B 112 -5.60 11.79 -8.37
N LEU B 113 -6.68 11.83 -9.16
CA LEU B 113 -8.03 11.84 -8.58
C LEU B 113 -8.53 10.39 -8.53
N PRO B 114 -8.75 9.80 -7.37
CA PRO B 114 -9.23 8.42 -7.34
C PRO B 114 -10.57 8.25 -8.04
N GLY B 115 -10.75 7.07 -8.61
CA GLY B 115 -12.06 6.54 -8.91
C GLY B 115 -12.61 5.81 -7.69
N ILE B 116 -13.54 4.89 -7.96
CA ILE B 116 -14.32 4.23 -6.91
C ILE B 116 -14.43 2.75 -7.24
N PHE B 117 -14.13 1.89 -6.26
CA PHE B 117 -14.64 0.52 -6.25
C PHE B 117 -16.00 0.57 -5.56
N LYS B 118 -17.08 0.31 -6.29
CA LYS B 118 -18.42 0.23 -5.73
C LYS B 118 -18.67 -1.22 -5.34
N THR B 119 -18.84 -1.49 -4.05
CA THR B 119 -19.06 -2.83 -3.55
C THR B 119 -20.38 -2.90 -2.76
N LYS B 120 -20.81 -4.14 -2.50
CA LYS B 120 -22.01 -4.35 -1.70
C LYS B 120 -21.86 -3.82 -0.28
N ASP B 121 -20.64 -3.53 0.16
CA ASP B 121 -20.38 -3.06 1.52
C ASP B 121 -19.91 -1.61 1.53
N GLY B 122 -20.14 -0.87 0.46
CA GLY B 122 -19.76 0.53 0.39
C GLY B 122 -18.73 0.80 -0.70
N ASP B 123 -18.48 2.09 -0.89
CA ASP B 123 -17.53 2.55 -1.89
C ASP B 123 -16.15 2.68 -1.28
N ILE B 124 -15.13 2.30 -2.06
CA ILE B 124 -13.72 2.40 -1.69
C ILE B 124 -13.04 3.23 -2.78
N GLY B 125 -12.29 4.26 -2.38
CA GLY B 125 -11.48 4.96 -3.35
C GLY B 125 -10.49 4.01 -4.02
N ALA B 126 -10.14 4.33 -5.26
CA ALA B 126 -9.27 3.46 -6.04
C ALA B 126 -8.45 4.28 -7.02
N VAL B 127 -7.17 3.95 -7.15
CA VAL B 127 -6.26 4.73 -7.98
C VAL B 127 -5.84 3.93 -9.21
N ALA B 128 -5.99 4.57 -10.37
CA ALA B 128 -5.68 3.98 -11.67
C ALA B 128 -4.22 4.29 -12.02
N LEU B 129 -3.34 3.65 -11.27
CA LEU B 129 -1.89 3.80 -11.38
C LEU B 129 -1.30 2.40 -11.35
N ASP B 130 -0.37 2.11 -12.27
CA ASP B 130 0.11 0.76 -12.52
C ASP B 130 1.61 0.73 -12.33
N TYR B 131 2.07 -0.06 -11.36
CA TYR B 131 3.47 -0.19 -10.98
C TYR B 131 3.79 -1.66 -10.78
N PRO B 132 5.08 -2.01 -10.75
CA PRO B 132 5.46 -3.41 -10.53
C PRO B 132 4.93 -3.98 -9.23
N ALA B 133 4.81 -5.31 -9.20
CA ALA B 133 4.27 -5.99 -8.04
C ALA B 133 4.98 -5.61 -6.75
N GLY B 134 6.30 -5.43 -6.80
CA GLY B 134 7.05 -5.08 -5.62
C GLY B 134 6.84 -3.67 -5.10
N THR B 135 5.98 -2.89 -5.77
CA THR B 135 5.52 -1.59 -5.28
C THR B 135 4.39 -1.73 -4.26
N SER B 136 3.85 -2.93 -4.10
CA SER B 136 2.82 -3.22 -3.13
C SER B 136 3.18 -2.71 -1.76
N GLY B 137 2.22 -2.03 -1.12
CA GLY B 137 2.40 -1.46 0.20
C GLY B 137 2.81 0.00 0.20
N SER B 138 3.04 0.57 -0.98
CA SER B 138 3.39 1.99 -1.05
C SER B 138 2.22 2.82 -0.51
N PRO B 139 2.51 3.86 0.27
CA PRO B 139 1.43 4.64 0.88
C PRO B 139 0.79 5.62 -0.08
N ILE B 140 -0.50 5.83 0.15
CA ILE B 140 -1.30 6.83 -0.55
C ILE B 140 -1.63 7.92 0.45
N LEU B 141 -1.44 9.18 0.05
CA LEU B 141 -1.40 10.32 0.96
C LEU B 141 -2.50 11.33 0.64
N ASP B 142 -2.99 11.99 1.68
CA ASP B 142 -3.81 13.18 1.49
C ASP B 142 -2.92 14.41 1.51
N LYS B 143 -3.54 15.60 1.33
CA LYS B 143 -2.78 16.83 1.15
C LYS B 143 -2.00 17.22 2.40
N CYS B 144 -2.35 16.65 3.55
CA CYS B 144 -1.63 16.87 4.79
C CYS B 144 -0.49 15.88 5.00
N GLY B 145 -0.27 15.00 4.03
CA GLY B 145 0.74 13.96 4.15
C GLY B 145 0.34 12.78 5.00
N ARG B 146 -0.92 12.69 5.42
CA ARG B 146 -1.37 11.54 6.20
C ARG B 146 -1.60 10.36 5.27
N VAL B 147 -1.31 9.16 5.77
CA VAL B 147 -1.49 7.96 4.95
C VAL B 147 -2.95 7.53 5.03
N ILE B 148 -3.66 7.66 3.90
CA ILE B 148 -5.07 7.26 3.83
C ILE B 148 -5.24 5.81 3.36
N GLY B 149 -4.17 5.14 3.00
CA GLY B 149 -4.24 3.72 2.70
C GLY B 149 -2.97 3.27 2.02
N LEU B 150 -2.93 1.97 1.71
CA LEU B 150 -1.81 1.38 1.00
C LEU B 150 -2.22 0.87 -0.37
N TYR B 151 -1.26 0.96 -1.30
CA TYR B 151 -1.42 0.58 -2.69
C TYR B 151 -1.12 -0.89 -2.91
N GLY B 152 -1.92 -1.52 -3.76
CA GLY B 152 -1.53 -2.82 -4.28
C GLY B 152 -2.51 -3.96 -4.24
N ASN B 153 -3.73 -3.76 -3.76
CA ASN B 153 -4.75 -4.80 -3.88
C ASN B 153 -5.84 -4.25 -4.80
N GLY B 154 -6.00 -4.86 -5.97
CA GLY B 154 -6.83 -4.25 -7.00
C GLY B 154 -7.35 -5.21 -8.06
N VAL B 155 -7.63 -4.65 -9.23
CA VAL B 155 -8.21 -5.37 -10.34
C VAL B 155 -7.49 -4.98 -11.63
N VAL B 156 -7.58 -5.86 -12.63
CA VAL B 156 -7.16 -5.58 -13.99
C VAL B 156 -8.42 -5.43 -14.83
N ILE B 157 -8.54 -4.30 -15.52
CA ILE B 157 -9.73 -4.04 -16.33
C ILE B 157 -9.53 -4.54 -17.75
N LYS B 158 -10.55 -4.37 -18.61
CA LYS B 158 -10.56 -5.07 -19.91
C LYS B 158 -9.37 -4.70 -20.77
N ASN B 159 -8.89 -3.45 -20.71
CA ASN B 159 -7.77 -3.05 -21.55
C ASN B 159 -6.43 -3.47 -20.97
N GLY B 160 -6.43 -4.18 -19.85
CA GLY B 160 -5.22 -4.65 -19.21
C GLY B 160 -4.69 -3.73 -18.12
N SER B 161 -5.21 -2.50 -18.01
CA SER B 161 -4.73 -1.56 -17.02
C SER B 161 -5.11 -2.02 -15.61
N TYR B 162 -4.35 -1.55 -14.64
CA TYR B 162 -4.55 -1.89 -13.24
C TYR B 162 -5.18 -0.73 -12.47
N VAL B 163 -6.05 -1.09 -11.53
CA VAL B 163 -6.65 -0.13 -10.60
C VAL B 163 -6.55 -0.71 -9.20
N SER B 164 -5.95 0.06 -8.28
CA SER B 164 -5.73 -0.37 -6.90
C SER B 164 -6.74 0.27 -5.96
N ALA B 165 -7.32 -0.52 -5.07
CA ALA B 165 -8.04 0.06 -3.94
C ALA B 165 -7.08 0.92 -3.11
N ILE B 166 -7.64 1.95 -2.47
CA ILE B 166 -6.97 2.65 -1.37
C ILE B 166 -7.32 1.83 -0.13
N THR B 167 -6.46 0.89 0.25
CA THR B 167 -6.77 -0.04 1.34
C THR B 167 -6.34 0.56 2.66
N GLN B 168 -7.29 0.77 3.56
CA GLN B 168 -7.00 1.32 4.88
C GLN B 168 -7.53 0.35 5.95
N GLY B 169 -6.78 0.22 7.04
CA GLY B 169 -7.19 -0.59 8.15
C GLY B 169 -7.97 0.21 9.17
N LYS B 170 -8.36 -0.47 10.24
CA LYS B 170 -9.05 0.17 11.36
C LYS B 170 -8.09 0.30 12.54
N ARG B 171 -7.99 1.50 13.09
CA ARG B 171 -7.22 1.74 14.31
C ARG B 171 -8.16 1.53 15.51
N GLU B 172 -7.97 0.42 16.22
CA GLU B 172 -8.93 -0.03 17.23
C GLU B 172 -8.85 0.77 18.52
N1 JVL C . -1.28 -6.48 -14.18
C7 JVL C . 0.05 -6.74 -6.66
C8 JVL C . -1.18 -7.61 -6.40
N2 JVL C . -1.19 -4.29 -15.27
C9 JVL C . -0.80 -8.92 -5.68
O1 JVL C . 3.97 -8.87 -13.47
C1 JVL C . -0.08 -5.32 -11.87
C5 JVL C . 0.61 -3.88 -8.29
C6 JVL C . 0.86 -4.43 -6.88
N3 JVL C . -0.14 -5.43 -6.52
C4 JVL C . 0.54 -4.93 -9.39
O4 JVL C . 1.13 -7.24 -7.02
C3 JVL C . 0.20 -4.32 -10.74
O3 JVL C . -3.67 -6.70 -7.31
C2 JVL C . -0.98 -5.11 -14.25
N4 JVL C . -5.11 -10.01 -3.21
N JVL C . -0.40 -4.58 -13.08
C JVL C . 1.15 -6.23 -12.04
O JVL C . 1.25 -7.27 -11.39
C10 JVL C . -2.01 -9.84 -5.49
C11 JVL C . -3.01 -9.37 -4.45
C12 JVL C . -4.20 -10.31 -4.34
C13 JVL C . -2.98 -7.41 -8.05
C14 JVL C . -3.42 -7.72 -9.48
C15 JVL C . -4.94 -7.83 -9.63
C16 JVL C . -5.43 -9.19 -9.29
C17 JVL C . -5.78 -9.66 -8.06
C18 JVL C . -6.04 -11.40 -9.44
C19 JVL C . -5.58 -10.30 -10.20
C20 JVL C . -5.43 -10.45 -11.57
C21 JVL C . -5.75 -11.66 -12.17
C22 JVL C . -6.19 -12.74 -11.40
C23 JVL C . -6.33 -12.63 -10.04
C24 JVL C . -2.21 -8.91 -11.20
C25 JVL C . -1.63 -10.24 -11.68
C26 JVL C . -1.22 -10.25 -13.13
C27 JVL C . 0.03 -9.78 -13.51
C28 JVL C . 0.47 -9.85 -14.82
C29 JVL C . 1.85 -9.36 -15.20
C30 JVL C . 3.17 -7.96 -13.70
C31 JVL C . 3.32 -6.60 -13.04
C32 JVL C . -0.38 -10.40 -15.78
C33 JVL C . -1.63 -10.86 -15.43
C34 JVL C . -2.06 -10.77 -14.10
N5 JVL C . -1.79 -7.90 -7.69
N6 JVL C . -6.15 -10.98 -8.14
N7 JVL C . -2.75 -8.92 -10.00
N8 JVL C . 2.15 -8.09 -14.55
N9 JVL C . 2.09 -5.84 -12.90
O2 JVL C . -2.17 -7.89 -11.90
#